data_9NX6
#
_entry.id   9NX6
#
_cell.length_a   74.977
_cell.length_b   74.977
_cell.length_c   99.732
_cell.angle_alpha   90.00
_cell.angle_beta   90.00
_cell.angle_gamma   120.00
#
_symmetry.space_group_name_H-M   'P 32 2 1'
#
loop_
_entity.id
_entity.type
_entity.pdbx_description
1 polymer 'Trifunctional purine biosynthetic protein adenosine-3'
2 non-polymer 'GLYCINAMIDE RIBONUCLEOTIDE'
3 non-polymer 'N-{4-[4-(2-amino-4-oxo-3,4-dihydrothieno[2,3-d]pyrimidin-6-yl)butyl]-3-fluorothiophene-2-carbonyl}-L-glutamic acid'
4 water water
#
_entity_poly.entity_id   1
_entity_poly.type   'polypeptide(L)'
_entity_poly.pdbx_seq_one_letter_code
;MARVAVLISGTGSNLQALIDSTREPNSSAQIDIVISNKAAVAGLDKAERAGIPTRVINHKLYKNRVEFDSAIDLVLEEFS
IDIVCLAGFMRILSGPFVQKWNGKMLNIHPSLLPSFKGSNAHEQALETGVTVTGCTVHFVAEDVDAGQIILQEAVPVKRG
DTVATLSERVKLAEHKIFPAALQLVASGTVQLGENGKICWVKEEHHHHHH
;
_entity_poly.pdbx_strand_id   A
#
loop_
_chem_comp.id
_chem_comp.type
_chem_comp.name
_chem_comp.formula
A1B62 non-polymer 'N-{4-[4-(2-amino-4-oxo-3,4-dihydrothieno[2,3-d]pyrimidin-6-yl)butyl]-3-fluorothiophene-2-carbonyl}-L-glutamic acid' 'C20 H21 F N4 O6 S2'
GAR non-polymer 'GLYCINAMIDE RIBONUCLEOTIDE' 'C7 H13 N2 O8 P -2'
#
# COMPACT_ATOMS: atom_id res chain seq x y z
N ALA A 2 -8.26 -13.28 6.80
CA ALA A 2 -7.02 -12.57 7.10
C ALA A 2 -7.34 -11.19 7.61
N ARG A 3 -6.77 -10.86 8.75
CA ARG A 3 -6.98 -9.57 9.39
C ARG A 3 -5.99 -8.54 8.85
N VAL A 4 -6.51 -7.40 8.38
CA VAL A 4 -5.72 -6.49 7.57
C VAL A 4 -5.68 -5.09 8.19
N ALA A 5 -4.51 -4.48 8.16
CA ALA A 5 -4.33 -3.08 8.53
C ALA A 5 -3.95 -2.30 7.27
N VAL A 6 -4.55 -1.11 7.13
CA VAL A 6 -4.21 -0.21 6.04
C VAL A 6 -3.53 1.01 6.64
N LEU A 7 -2.31 1.30 6.22
CA LEU A 7 -1.61 2.51 6.64
C LEU A 7 -1.79 3.56 5.55
N ILE A 8 -2.22 4.76 5.95
CA ILE A 8 -2.47 5.83 5.01
C ILE A 8 -1.77 7.09 5.46
N SER A 9 -1.57 8.01 4.49
CA SER A 9 -1.13 9.34 4.79
C SER A 9 -2.03 10.44 4.25
N GLY A 10 -2.99 10.12 3.39
CA GLY A 10 -3.75 11.17 2.73
C GLY A 10 -5.17 10.84 2.36
N THR A 11 -5.52 11.12 1.09
CA THR A 11 -6.90 11.08 0.62
C THR A 11 -7.56 9.73 0.84
N GLY A 12 -6.80 8.64 0.72
CA GLY A 12 -7.36 7.34 1.02
C GLY A 12 -8.23 6.71 -0.05
N SER A 13 -8.01 7.04 -1.33
CA SER A 13 -8.84 6.43 -2.35
C SER A 13 -8.47 4.96 -2.57
N ASN A 14 -7.21 4.59 -2.35
CA ASN A 14 -6.89 3.17 -2.36
C ASN A 14 -7.52 2.47 -1.15
N LEU A 15 -7.44 3.11 0.02
CA LEU A 15 -8.16 2.61 1.18
C LEU A 15 -9.62 2.34 0.82
N GLN A 16 -10.28 3.31 0.17
CA GLN A 16 -11.68 3.15 -0.23
C GLN A 16 -11.86 1.96 -1.15
N ALA A 17 -11.00 1.83 -2.18
CA ALA A 17 -11.07 0.69 -3.08
C ALA A 17 -10.89 -0.62 -2.34
N LEU A 18 -9.99 -0.65 -1.33
CA LEU A 18 -9.79 -1.86 -0.53
C LEU A 18 -11.01 -2.16 0.33
N ILE A 19 -11.55 -1.14 1.00
CA ILE A 19 -12.78 -1.33 1.77
C ILE A 19 -13.84 -1.94 0.87
N ASP A 20 -13.98 -1.40 -0.34
CA ASP A 20 -15.08 -1.82 -1.19
C ASP A 20 -14.95 -3.28 -1.55
N SER A 21 -13.74 -3.75 -1.88
CA SER A 21 -13.58 -5.15 -2.23
C SER A 21 -13.73 -6.06 -1.02
N THR A 22 -13.25 -5.63 0.15
CA THR A 22 -13.24 -6.55 1.29
C THR A 22 -14.61 -6.70 1.93
N ARG A 23 -15.59 -5.92 1.53
CA ARG A 23 -16.93 -6.15 1.99
C ARG A 23 -17.72 -7.03 1.03
N GLU A 24 -17.14 -7.37 -0.11
CA GLU A 24 -17.73 -8.38 -0.97
C GLU A 24 -17.71 -9.71 -0.24
N PRO A 25 -18.77 -10.51 -0.35
CA PRO A 25 -18.87 -11.72 0.48
C PRO A 25 -17.73 -12.70 0.28
N ASN A 26 -17.18 -12.79 -0.92
CA ASN A 26 -16.09 -13.72 -1.17
C ASN A 26 -14.74 -13.19 -0.71
N SER A 27 -14.68 -11.96 -0.20
CA SER A 27 -13.41 -11.40 0.26
C SER A 27 -12.77 -12.30 1.32
N SER A 28 -11.48 -12.54 1.15
CA SER A 28 -10.69 -13.26 2.15
C SER A 28 -9.97 -12.32 3.09
N ALA A 29 -10.24 -11.03 2.98
CA ALA A 29 -9.60 -10.01 3.80
C ALA A 29 -10.67 -9.24 4.56
N GLN A 30 -10.34 -8.86 5.77
CA GLN A 30 -11.17 -7.96 6.55
C GLN A 30 -10.28 -6.83 7.05
N ILE A 31 -10.71 -5.60 6.86
CA ILE A 31 -9.95 -4.44 7.28
C ILE A 31 -10.34 -4.14 8.72
N ASP A 32 -9.43 -4.35 9.66
CA ASP A 32 -9.75 -4.27 11.08
C ASP A 32 -9.20 -3.01 11.75
N ILE A 33 -8.37 -2.25 11.05
CA ILE A 33 -7.78 -1.05 11.60
C ILE A 33 -7.25 -0.24 10.44
N VAL A 34 -7.37 1.09 10.55
CA VAL A 34 -6.75 2.01 9.62
C VAL A 34 -5.86 2.95 10.43
N ILE A 35 -4.58 3.03 10.05
CA ILE A 35 -3.56 3.78 10.79
C ILE A 35 -2.99 4.86 9.87
N SER A 36 -3.08 6.12 10.30
CA SER A 36 -2.53 7.24 9.56
C SER A 36 -1.50 7.97 10.39
N ASN A 37 -0.43 8.42 9.74
CA ASN A 37 0.58 9.18 10.46
C ASN A 37 0.32 10.66 10.44
N LYS A 38 -0.70 11.10 9.71
CA LYS A 38 -1.09 12.50 9.59
C LYS A 38 -2.57 12.62 9.94
N ALA A 39 -2.90 13.57 10.80
CA ALA A 39 -4.28 13.75 11.23
C ALA A 39 -5.05 14.61 10.23
N ALA A 40 -6.37 14.56 10.33
CA ALA A 40 -7.27 15.36 9.51
C ALA A 40 -7.22 15.00 8.03
N VAL A 41 -6.54 13.92 7.65
CA VAL A 41 -6.55 13.51 6.25
C VAL A 41 -7.84 12.78 5.93
N ALA A 42 -8.23 12.81 4.65
CA ALA A 42 -9.51 12.29 4.22
C ALA A 42 -9.63 10.79 4.33
N GLY A 43 -8.49 10.06 4.32
CA GLY A 43 -8.54 8.63 4.51
C GLY A 43 -9.11 8.24 5.86
N LEU A 44 -8.91 9.08 6.88
CA LEU A 44 -9.48 8.76 8.18
C LEU A 44 -11.00 8.87 8.15
N ASP A 45 -11.54 9.81 7.38
CA ASP A 45 -12.99 9.95 7.26
C ASP A 45 -13.60 8.72 6.60
N LYS A 46 -13.05 8.33 5.45
CA LYS A 46 -13.51 7.13 4.76
C LYS A 46 -13.50 5.94 5.70
N ALA A 47 -12.43 5.78 6.47
CA ALA A 47 -12.37 4.64 7.39
C ALA A 47 -13.46 4.73 8.45
N GLU A 48 -13.66 5.92 9.02
CA GLU A 48 -14.72 6.07 10.01
C GLU A 48 -16.09 5.96 9.38
N ARG A 49 -16.25 6.45 8.14
CA ARG A 49 -17.53 6.27 7.47
C ARG A 49 -17.81 4.79 7.23
N ALA A 50 -16.78 3.99 7.07
CA ALA A 50 -16.91 2.55 6.84
C ALA A 50 -17.05 1.77 8.13
N GLY A 51 -16.88 2.40 9.28
CA GLY A 51 -16.99 1.71 10.54
C GLY A 51 -15.69 1.14 11.04
N ILE A 52 -14.59 1.47 10.40
CA ILE A 52 -13.32 0.83 10.71
C ILE A 52 -12.60 1.66 11.76
N PRO A 53 -12.18 1.06 12.88
CA PRO A 53 -11.35 1.79 13.85
C PRO A 53 -10.16 2.45 13.17
N THR A 54 -9.73 3.57 13.75
CA THR A 54 -8.64 4.38 13.23
C THR A 54 -7.69 4.73 14.37
N ARG A 55 -6.39 4.83 14.06
CA ARG A 55 -5.42 5.40 14.98
C ARG A 55 -4.51 6.34 14.20
N VAL A 56 -4.14 7.47 14.81
CA VAL A 56 -3.22 8.42 14.22
C VAL A 56 -1.95 8.39 15.04
N ILE A 57 -0.84 8.02 14.40
CA ILE A 57 0.45 8.00 15.08
C ILE A 57 1.29 9.14 14.52
N ASN A 58 1.52 10.15 15.34
CA ASN A 58 2.30 11.31 14.95
C ASN A 58 3.79 11.00 14.99
N HIS A 59 4.45 11.04 13.84
CA HIS A 59 5.90 10.80 13.81
C HIS A 59 6.67 12.02 14.25
N LYS A 60 6.03 12.87 15.07
CA LYS A 60 6.72 13.95 15.76
C LYS A 60 6.50 13.84 17.25
N LEU A 61 6.27 12.63 17.73
CA LEU A 61 6.13 12.39 19.17
C LEU A 61 7.05 11.25 19.60
N TYR A 62 7.78 10.66 18.66
CA TYR A 62 8.72 9.58 18.90
C TYR A 62 10.09 10.05 18.47
N LYS A 63 11.13 9.53 19.12
CA LYS A 63 12.47 9.96 18.76
C LYS A 63 12.95 9.29 17.47
N ASN A 64 12.81 7.98 17.40
CA ASN A 64 13.42 7.19 16.33
C ASN A 64 12.37 6.79 15.30
N ARG A 65 12.84 6.57 14.08
CA ARG A 65 12.03 5.77 13.18
C ARG A 65 11.67 4.44 13.85
N VAL A 66 12.60 3.87 14.62
CA VAL A 66 12.34 2.59 15.25
C VAL A 66 11.30 2.72 16.36
N GLU A 67 11.40 3.76 17.19
CA GLU A 67 10.35 4.01 18.17
C GLU A 67 9.01 4.22 17.47
N PHE A 68 9.02 4.88 16.32
CA PHE A 68 7.78 5.16 15.62
C PHE A 68 7.14 3.87 15.09
N ASP A 69 7.90 3.06 14.37
CA ASP A 69 7.33 1.82 13.87
C ASP A 69 6.89 0.91 15.02
N SER A 70 7.61 0.94 16.13
CA SER A 70 7.19 0.19 17.31
C SER A 70 5.76 0.54 17.70
N ALA A 71 5.42 1.81 17.62
CA ALA A 71 4.06 2.21 17.95
C ALA A 71 3.08 1.60 16.96
N ILE A 72 3.43 1.59 15.68
CA ILE A 72 2.57 0.96 14.68
C ILE A 72 2.44 -0.54 14.96
N ASP A 73 3.57 -1.24 15.08
CA ASP A 73 3.57 -2.66 15.42
C ASP A 73 2.72 -2.95 16.65
N LEU A 74 2.79 -2.09 17.67
CA LEU A 74 1.96 -2.29 18.84
C LEU A 74 0.48 -2.36 18.45
N VAL A 75 0.03 -1.43 17.61
CA VAL A 75 -1.37 -1.41 17.22
C VAL A 75 -1.69 -2.64 16.37
N LEU A 76 -0.77 -3.04 15.49
CA LEU A 76 -0.97 -4.21 14.66
C LEU A 76 -1.11 -5.46 15.50
N GLU A 77 -0.27 -5.59 16.53
CA GLU A 77 -0.46 -6.70 17.44
C GLU A 77 -1.73 -6.53 18.23
N GLU A 78 -2.05 -5.31 18.66
CA GLU A 78 -3.28 -5.15 19.45
C GLU A 78 -4.48 -5.66 18.67
N PHE A 79 -4.52 -5.41 17.35
CA PHE A 79 -5.63 -5.84 16.49
C PHE A 79 -5.38 -7.18 15.79
N SER A 80 -4.40 -7.95 16.24
CA SER A 80 -4.11 -9.27 15.69
C SER A 80 -4.08 -9.25 14.17
N ILE A 81 -3.36 -8.27 13.61
CA ILE A 81 -3.33 -8.10 12.17
C ILE A 81 -2.54 -9.21 11.51
N ASP A 82 -2.98 -9.63 10.33
CA ASP A 82 -2.25 -10.63 9.55
C ASP A 82 -1.52 -10.05 8.36
N ILE A 83 -2.13 -9.05 7.69
CA ILE A 83 -1.57 -8.44 6.50
C ILE A 83 -1.59 -6.93 6.66
N VAL A 84 -0.50 -6.28 6.26
CA VAL A 84 -0.38 -4.83 6.31
C VAL A 84 -0.35 -4.30 4.88
N CYS A 85 -1.30 -3.41 4.57
CA CYS A 85 -1.37 -2.72 3.28
C CYS A 85 -0.96 -1.26 3.47
N LEU A 86 0.12 -0.85 2.79
CA LEU A 86 0.47 0.57 2.69
C LEU A 86 -0.28 1.17 1.51
N ALA A 87 -1.23 2.05 1.79
CA ALA A 87 -2.09 2.65 0.75
C ALA A 87 -1.90 4.17 0.78
N GLY A 88 -0.79 4.63 0.23
CA GLY A 88 -0.49 6.03 0.31
C GLY A 88 0.21 6.42 1.57
N PHE A 89 0.87 5.48 2.24
CA PHE A 89 1.65 5.76 3.43
C PHE A 89 2.94 6.45 3.01
N MET A 90 3.14 7.69 3.42
CA MET A 90 4.33 8.44 2.98
C MET A 90 5.40 8.50 4.06
N ARG A 91 5.75 7.33 4.58
CA ARG A 91 6.85 7.30 5.52
C ARG A 91 7.59 5.98 5.35
N ILE A 92 8.91 6.03 5.44
CA ILE A 92 9.75 4.86 5.17
C ILE A 92 9.93 4.08 6.45
N LEU A 93 9.77 2.76 6.35
CA LEU A 93 9.68 1.92 7.52
C LEU A 93 11.04 1.36 7.88
N SER A 94 11.28 1.23 9.17
CA SER A 94 12.57 0.77 9.64
C SER A 94 12.81 -0.69 9.24
N GLY A 95 14.09 -1.06 9.21
CA GLY A 95 14.50 -2.37 8.77
C GLY A 95 13.97 -3.50 9.63
N PRO A 96 14.04 -3.35 10.95
CA PRO A 96 13.45 -4.41 11.79
C PRO A 96 11.95 -4.49 11.62
N PHE A 97 11.24 -3.36 11.56
CA PHE A 97 9.82 -3.45 11.28
C PHE A 97 9.55 -4.21 9.99
N VAL A 98 10.29 -3.90 8.93
CA VAL A 98 10.08 -4.58 7.66
C VAL A 98 10.40 -6.06 7.79
N GLN A 99 11.47 -6.37 8.51
CA GLN A 99 11.83 -7.76 8.74
C GLN A 99 10.69 -8.53 9.41
N LYS A 100 10.09 -7.94 10.45
CA LYS A 100 9.04 -8.63 11.20
C LYS A 100 7.84 -8.93 10.33
N TRP A 101 7.52 -8.04 9.41
CA TRP A 101 6.36 -8.20 8.55
C TRP A 101 6.74 -8.69 7.17
N ASN A 102 7.98 -9.13 6.98
CA ASN A 102 8.37 -9.63 5.68
C ASN A 102 7.38 -10.67 5.22
N GLY A 103 6.88 -10.50 4.00
CA GLY A 103 5.89 -11.40 3.47
C GLY A 103 4.48 -11.15 3.91
N LYS A 104 4.24 -10.10 4.71
CA LYS A 104 2.89 -9.80 5.15
C LYS A 104 2.51 -8.34 4.91
N MET A 105 3.30 -7.61 4.14
CA MET A 105 3.10 -6.18 3.99
C MET A 105 3.17 -5.83 2.51
N LEU A 106 2.08 -5.29 1.98
CA LEU A 106 1.96 -4.90 0.59
C LEU A 106 2.02 -3.38 0.44
N ASN A 107 2.57 -2.93 -0.69
CA ASN A 107 2.63 -1.52 -1.02
C ASN A 107 2.12 -1.31 -2.43
N ILE A 108 1.38 -0.21 -2.64
CA ILE A 108 0.98 0.23 -3.98
C ILE A 108 1.88 1.38 -4.39
N HIS A 109 2.65 1.17 -5.46
CA HIS A 109 3.54 2.18 -6.00
C HIS A 109 3.09 2.57 -7.41
N PRO A 110 3.05 3.86 -7.74
CA PRO A 110 2.39 4.29 -8.98
C PRO A 110 3.36 4.32 -10.16
N SER A 111 4.12 3.23 -10.34
CA SER A 111 4.85 3.04 -11.58
C SER A 111 4.97 1.55 -11.88
N LEU A 112 5.45 1.25 -13.09
CA LEU A 112 5.81 -0.11 -13.46
C LEU A 112 7.23 -0.33 -12.98
N LEU A 113 7.37 -0.76 -11.73
CA LEU A 113 8.68 -1.08 -11.20
C LEU A 113 9.34 -2.16 -12.06
N PRO A 114 10.67 -2.13 -12.18
CA PRO A 114 11.56 -1.24 -11.43
C PRO A 114 11.67 0.20 -11.93
N SER A 115 10.97 0.62 -12.97
CA SER A 115 11.06 2.02 -13.39
C SER A 115 10.55 2.94 -12.27
N PHE A 116 11.21 4.09 -12.10
CA PHE A 116 10.69 5.20 -11.29
C PHE A 116 10.41 4.79 -9.84
N LYS A 117 11.38 4.13 -9.23
CA LYS A 117 11.37 4.01 -7.79
C LYS A 117 11.33 5.40 -7.17
N GLY A 118 10.83 5.48 -5.95
CA GLY A 118 10.89 6.73 -5.24
C GLY A 118 9.55 7.43 -5.22
N SER A 119 9.58 8.66 -4.71
CA SER A 119 8.34 9.28 -4.27
C SER A 119 7.65 10.10 -5.35
N ASN A 120 8.36 10.56 -6.37
CA ASN A 120 7.69 11.38 -7.38
C ASN A 120 7.63 10.63 -8.69
N ALA A 121 7.04 9.43 -8.66
CA ALA A 121 7.11 8.54 -9.83
C ALA A 121 6.49 9.17 -11.06
N HIS A 122 5.30 9.78 -10.92
CA HIS A 122 4.65 10.41 -12.06
C HIS A 122 5.54 11.51 -12.67
N GLU A 123 6.19 12.31 -11.83
CA GLU A 123 7.08 13.33 -12.38
C GLU A 123 8.22 12.67 -13.13
N GLN A 124 8.79 11.62 -12.55
CA GLN A 124 9.83 10.86 -13.25
C GLN A 124 9.34 10.37 -14.60
N ALA A 125 8.15 9.76 -14.62
CA ALA A 125 7.59 9.21 -15.85
C ALA A 125 7.41 10.28 -16.92
N LEU A 126 6.93 11.47 -16.52
CA LEU A 126 6.69 12.50 -17.51
C LEU A 126 8.00 13.10 -17.97
N GLU A 127 8.94 13.33 -17.05
CA GLU A 127 10.26 13.84 -17.43
C GLU A 127 10.95 12.91 -18.41
N THR A 128 10.84 11.58 -18.18
CA THR A 128 11.48 10.57 -19.03
C THR A 128 10.82 10.48 -20.39
N GLY A 129 9.51 10.67 -20.45
CA GLY A 129 8.81 10.65 -21.72
C GLY A 129 8.29 9.31 -22.15
N VAL A 130 7.88 8.46 -21.22
CA VAL A 130 7.37 7.14 -21.58
C VAL A 130 5.94 7.27 -22.09
N THR A 131 5.55 6.37 -22.97
CA THR A 131 4.18 6.38 -23.42
C THR A 131 3.34 5.36 -22.67
N VAL A 132 3.96 4.56 -21.83
CA VAL A 132 3.27 3.59 -20.99
C VAL A 132 3.86 3.67 -19.59
N THR A 133 2.99 3.81 -18.60
CA THR A 133 3.41 3.67 -17.21
C THR A 133 2.42 2.75 -16.54
N GLY A 134 2.18 2.88 -15.25
CA GLY A 134 1.26 1.97 -14.60
C GLY A 134 1.48 1.98 -13.11
N CYS A 135 1.05 0.90 -12.46
CA CYS A 135 1.27 0.78 -11.04
C CYS A 135 1.67 -0.65 -10.71
N THR A 136 2.19 -0.81 -9.49
CA THR A 136 2.69 -2.07 -8.99
C THR A 136 2.21 -2.29 -7.56
N VAL A 137 1.77 -3.51 -7.27
CA VAL A 137 1.63 -3.98 -5.89
C VAL A 137 2.77 -4.94 -5.66
N HIS A 138 3.48 -4.76 -4.55
CA HIS A 138 4.65 -5.54 -4.24
C HIS A 138 4.72 -5.72 -2.75
N PHE A 139 5.39 -6.78 -2.34
CA PHE A 139 5.73 -6.94 -0.93
C PHE A 139 6.80 -5.92 -0.53
N VAL A 140 6.72 -5.43 0.70
CA VAL A 140 7.71 -4.48 1.17
C VAL A 140 8.95 -5.24 1.63
N ALA A 141 10.07 -4.97 0.97
CA ALA A 141 11.39 -5.40 1.41
C ALA A 141 12.15 -4.18 1.95
N GLU A 142 13.35 -4.41 2.48
CA GLU A 142 14.07 -3.29 3.09
C GLU A 142 14.41 -2.23 2.05
N ASP A 143 14.97 -2.62 0.91
CA ASP A 143 15.23 -1.67 -0.17
C ASP A 143 13.91 -1.17 -0.76
N VAL A 144 13.73 0.15 -0.76
CA VAL A 144 12.41 0.74 -1.05
C VAL A 144 12.01 0.43 -2.50
N ASP A 145 10.72 0.16 -2.71
CA ASP A 145 10.17 -0.23 -4.01
C ASP A 145 11.02 -1.32 -4.69
N ALA A 146 11.41 -2.33 -3.90
CA ALA A 146 12.30 -3.35 -4.42
C ALA A 146 11.90 -4.76 -3.98
N GLY A 147 10.75 -4.93 -3.31
CA GLY A 147 10.30 -6.25 -2.92
C GLY A 147 9.71 -7.02 -4.07
N GLN A 148 9.28 -8.25 -3.77
CA GLN A 148 8.68 -9.10 -4.80
C GLN A 148 7.37 -8.51 -5.32
N ILE A 149 7.26 -8.45 -6.65
CA ILE A 149 6.11 -7.84 -7.31
C ILE A 149 4.95 -8.83 -7.29
N ILE A 150 3.77 -8.35 -6.93
CA ILE A 150 2.57 -9.17 -6.91
C ILE A 150 1.72 -8.95 -8.16
N LEU A 151 1.33 -7.71 -8.43
CA LEU A 151 0.58 -7.39 -9.65
C LEU A 151 1.05 -6.04 -10.20
N GLN A 152 0.78 -5.85 -11.48
CA GLN A 152 1.05 -4.59 -12.15
C GLN A 152 -0.04 -4.38 -13.19
N GLU A 153 -0.37 -3.12 -13.46
CA GLU A 153 -1.23 -2.82 -14.60
C GLU A 153 -0.69 -1.64 -15.39
N ALA A 154 -0.56 -1.84 -16.70
CA ALA A 154 -0.06 -0.79 -17.56
C ALA A 154 -1.14 0.26 -17.75
N VAL A 155 -0.71 1.53 -17.81
CA VAL A 155 -1.60 2.65 -18.03
C VAL A 155 -0.96 3.59 -19.05
N PRO A 156 -1.69 4.02 -20.08
CA PRO A 156 -1.07 4.89 -21.10
C PRO A 156 -0.79 6.28 -20.56
N VAL A 157 0.32 6.85 -21.00
CA VAL A 157 0.57 8.27 -20.85
C VAL A 157 0.01 8.98 -22.07
N LYS A 158 -0.83 9.98 -21.85
CA LYS A 158 -1.43 10.72 -22.94
C LYS A 158 -0.76 12.07 -23.12
N ARG A 159 -0.73 12.55 -24.36
CA ARG A 159 -0.12 13.83 -24.68
C ARG A 159 -0.69 14.94 -23.81
N GLY A 160 0.20 15.79 -23.31
CA GLY A 160 -0.23 16.86 -22.43
C GLY A 160 -0.55 16.44 -21.02
N ASP A 161 -0.40 15.15 -20.69
CA ASP A 161 -0.57 14.69 -19.31
C ASP A 161 0.24 15.54 -18.35
N THR A 162 -0.29 15.73 -17.16
CA THR A 162 0.48 16.27 -16.05
C THR A 162 0.35 15.28 -14.90
N VAL A 163 1.08 15.53 -13.82
CA VAL A 163 0.92 14.70 -12.64
C VAL A 163 -0.55 14.55 -12.27
N ALA A 164 -1.31 15.63 -12.38
CA ALA A 164 -2.74 15.57 -12.07
C ALA A 164 -3.43 14.51 -12.92
N THR A 165 -3.30 14.61 -14.24
CA THR A 165 -4.07 13.73 -15.10
C THR A 165 -3.46 12.33 -15.15
N LEU A 166 -2.14 12.22 -15.20
CA LEU A 166 -1.52 10.91 -15.16
C LEU A 166 -1.94 10.15 -13.91
N SER A 167 -1.79 10.77 -12.73
CA SER A 167 -2.10 10.01 -11.52
C SER A 167 -3.58 9.75 -11.35
N GLU A 168 -4.44 10.55 -11.99
CA GLU A 168 -5.85 10.19 -12.03
C GLU A 168 -6.03 8.88 -12.79
N ARG A 169 -5.39 8.78 -13.95
CA ARG A 169 -5.54 7.58 -14.77
C ARG A 169 -4.93 6.37 -14.06
N VAL A 170 -3.72 6.52 -13.51
CA VAL A 170 -3.08 5.38 -12.85
C VAL A 170 -3.92 4.90 -11.67
N LYS A 171 -4.52 5.83 -10.93
CA LYS A 171 -5.23 5.44 -9.71
C LYS A 171 -6.41 4.52 -10.01
N LEU A 172 -7.06 4.65 -11.17
CA LEU A 172 -8.09 3.68 -11.52
C LEU A 172 -7.52 2.28 -11.62
N ALA A 173 -6.29 2.18 -12.13
CA ALA A 173 -5.62 0.90 -12.17
C ALA A 173 -5.25 0.45 -10.76
N GLU A 174 -4.83 1.38 -9.92
CA GLU A 174 -4.48 1.02 -8.56
C GLU A 174 -5.66 0.44 -7.82
N HIS A 175 -6.85 1.04 -7.98
CA HIS A 175 -8.05 0.53 -7.34
C HIS A 175 -8.49 -0.82 -7.87
N LYS A 176 -7.89 -1.29 -8.97
CA LYS A 176 -8.12 -2.63 -9.47
C LYS A 176 -7.10 -3.62 -8.90
N ILE A 177 -5.81 -3.37 -9.10
CA ILE A 177 -4.80 -4.36 -8.74
C ILE A 177 -4.51 -4.41 -7.25
N PHE A 178 -4.80 -3.37 -6.50
CA PHE A 178 -4.45 -3.43 -5.09
C PHE A 178 -5.47 -4.28 -4.33
N PRO A 179 -6.76 -4.17 -4.61
CA PRO A 179 -7.70 -5.13 -4.02
C PRO A 179 -7.47 -6.54 -4.51
N ALA A 180 -7.15 -6.73 -5.78
CA ALA A 180 -6.90 -8.09 -6.25
C ALA A 180 -5.69 -8.68 -5.55
N ALA A 181 -4.60 -7.89 -5.46
CA ALA A 181 -3.36 -8.33 -4.81
C ALA A 181 -3.61 -8.71 -3.35
N LEU A 182 -4.31 -7.85 -2.60
CA LEU A 182 -4.66 -8.20 -1.24
C LEU A 182 -5.38 -9.57 -1.23
N GLN A 183 -6.34 -9.74 -2.13
CA GLN A 183 -7.15 -10.96 -2.12
C GLN A 183 -6.32 -12.20 -2.46
N LEU A 184 -5.33 -12.06 -3.35
CA LEU A 184 -4.41 -13.17 -3.63
C LEU A 184 -3.61 -13.56 -2.39
N VAL A 185 -3.10 -12.57 -1.66
CA VAL A 185 -2.27 -12.87 -0.49
C VAL A 185 -3.14 -13.35 0.66
N ALA A 186 -4.30 -12.72 0.87
CA ALA A 186 -5.15 -13.13 1.97
C ALA A 186 -5.74 -14.51 1.77
N SER A 187 -5.85 -14.97 0.54
CA SER A 187 -6.40 -16.31 0.32
C SER A 187 -5.32 -17.39 0.31
N GLY A 188 -4.06 -17.03 0.50
CA GLY A 188 -3.03 -18.03 0.38
C GLY A 188 -2.73 -18.48 -1.03
N THR A 189 -3.21 -17.76 -2.05
CA THR A 189 -2.84 -18.08 -3.42
C THR A 189 -1.42 -17.65 -3.74
N VAL A 190 -1.00 -16.54 -3.17
CA VAL A 190 0.32 -15.97 -3.35
C VAL A 190 0.97 -15.88 -1.98
N GLN A 191 2.24 -16.23 -1.92
CA GLN A 191 3.04 -16.04 -0.72
C GLN A 191 4.45 -15.72 -1.17
N LEU A 192 5.28 -15.41 -0.20
CA LEU A 192 6.70 -15.21 -0.41
C LEU A 192 7.38 -16.55 -0.16
N GLY A 193 8.01 -17.12 -1.18
CA GLY A 193 8.57 -18.45 -1.03
C GLY A 193 9.77 -18.48 -0.10
N GLU A 194 10.22 -19.70 0.20
CA GLU A 194 11.45 -19.87 0.96
C GLU A 194 12.63 -19.18 0.27
N ASN A 195 12.65 -19.18 -1.06
CA ASN A 195 13.67 -18.49 -1.84
C ASN A 195 13.40 -17.00 -2.00
N GLY A 196 12.32 -16.49 -1.39
CA GLY A 196 12.02 -15.08 -1.43
C GLY A 196 11.44 -14.56 -2.73
N LYS A 197 11.29 -15.42 -3.75
CA LYS A 197 10.55 -15.00 -4.93
C LYS A 197 9.05 -15.21 -4.67
N ILE A 198 8.22 -14.72 -5.60
CA ILE A 198 6.78 -14.76 -5.42
C ILE A 198 6.33 -16.20 -5.65
N CYS A 199 5.49 -16.71 -4.76
CA CYS A 199 5.12 -18.13 -4.76
C CYS A 199 3.61 -18.25 -5.02
N TRP A 200 3.24 -18.78 -6.20
CA TRP A 200 1.84 -19.07 -6.51
C TRP A 200 1.44 -20.45 -6.00
N VAL A 201 0.22 -20.54 -5.47
CA VAL A 201 -0.22 -21.80 -4.89
C VAL A 201 -1.66 -22.10 -5.32
C1 GAR B . -1.35 6.47 -4.70
O6 GAR B . -1.56 7.10 -5.96
C2 GAR B . -0.03 5.70 -4.70
O8 GAR B . 0.35 5.20 -5.98
C3 GAR B . 0.91 6.75 -4.15
O4 GAR B . 0.13 7.66 -3.36
C5 GAR B . -1.27 7.62 -3.68
C10 GAR B . -2.17 7.50 -2.47
O12 GAR B . -3.46 7.91 -2.95
N19 GAR B . 2.02 6.31 -3.33
C21 GAR B . 3.26 6.76 -3.64
O22 GAR B . 3.49 7.66 -4.47
C23 GAR B . 4.36 6.03 -2.88
N24 GAR B . 5.70 6.39 -3.30
P15 GAR B . -4.74 7.65 -2.04
O16 GAR B . -5.88 8.36 -2.74
O17 GAR B . -4.83 6.13 -2.04
O18 GAR B . -4.35 8.28 -0.73
H1 GAR B . -2.16 5.77 -4.46
HO6 GAR B . -1.10 6.58 -6.65
H2 GAR B . -0.07 4.76 -4.13
HO8 GAR B . 0.97 4.47 -5.88
H3 GAR B . 1.40 7.16 -5.05
H5 GAR B . -1.63 8.56 -4.10
H101 GAR B . -2.21 6.46 -2.11
H102 GAR B . -1.82 8.13 -1.65
H19 GAR B . 1.86 5.70 -2.54
H231 GAR B . 4.22 4.96 -3.02
H232 GAR B . 4.25 6.25 -1.82
H241 GAR B . 5.84 7.06 -4.04
H242 GAR B . 6.51 5.96 -2.86
C12 A1B62 C . 8.37 7.88 1.16
C13 A1B62 C . 9.57 8.62 1.23
C15 A1B62 C . 9.27 7.25 -0.95
C16 A1B62 C . 8.21 7.12 -0.04
C21 A1B62 C . 8.47 11.29 5.18
C22 A1B62 C . 8.01 12.46 4.31
C17 A1B62 C . 10.06 9.51 2.37
C23 A1B62 C . 6.97 13.31 5.06
N11 A1B62 C . 11.76 -0.13 4.06
C20 A1B62 C . 9.68 10.54 4.63
C02 A1B62 C . 10.68 0.23 3.19
C04 A1B62 C . 9.59 -0.04 1.17
C05 A1B62 C . 7.45 1.39 0.83
C06 A1B62 C . 6.67 2.34 1.51
C08 A1B62 C . 8.62 0.92 1.57
C09 A1B62 C . 8.75 1.48 2.84
C26 A1B62 C . 10.21 9.63 5.73
C29 A1B62 C . 5.40 3.03 1.03
C30 A1B62 C . 5.74 4.13 0.02
C31 A1B62 C . 6.94 4.97 0.46
C32 A1B62 C . 6.97 6.28 -0.29
F33 A1B62 C . 7.44 7.88 2.14
N01 A1B62 C . 9.80 1.12 3.63
N03 A1B62 C . 10.60 -0.36 1.98
N19 A1B62 C . 9.23 9.72 3.53
O10 A1B62 C . 9.49 -0.54 0.10
O18 A1B62 C . 11.12 10.02 2.30
O24 A1B62 C . 6.87 14.54 4.83
O25 A1B62 C . 6.22 12.75 5.92
O27 A1B62 C . 10.80 10.12 6.72
O28 A1B62 C . 10.03 8.36 5.67
S07 A1B62 C . 7.41 2.55 3.01
S14 A1B62 C . 10.38 8.31 -0.22
#